data_1FLL
#
_entry.id   1FLL
#
_cell.length_a   83.760
_cell.length_b   83.760
_cell.length_c   212.570
_cell.angle_alpha   90.00
_cell.angle_beta   90.00
_cell.angle_gamma   120.00
#
_symmetry.space_group_name_H-M   'P 3 2 1'
#
loop_
_entity.id
_entity.type
_entity.pdbx_description
1 polymer 'TNF RECEPTOR ASSOCIATED FACTOR 3'
2 polymer 'B-CELL SURFACE ANTIGEN CD40'
#
loop_
_entity_poly.entity_id
_entity_poly.type
_entity_poly.pdbx_seq_one_letter_code
_entity_poly.pdbx_strand_id
1 'polypeptide(L)'
;RQNWEEADSMKSSVESLQNRVTELESVDKSAGQVARNTGLLESQLSRHDQMLSVHDIRLADMDLRFQVLETASYNGVLIW
KIRDYKRRKQEAVMGKTLSLYSQPFYTGYFGYKMCARVYLNGDGMGKGTHLSLFFVIMRGEYDALLPWPFKQKVTLMLMD
QGSSRRHLGDAFKPDPNSSSFKKPTGEMNIASGCPVFVAQTVLENGTYIKDDTIFIKVIVDTSDLPDP
;
A,B
2 'polypeptide(L)' KTAAPVQETLHGSQPVTQEDG X,Y
#
# COMPACT_ATOMS: atom_id res chain seq x y z
N LEU A 24 14.80 -78.05 -91.55
CA LEU A 24 14.89 -77.08 -90.41
C LEU A 24 13.52 -76.52 -90.01
N GLU A 25 13.09 -76.85 -88.81
CA GLU A 25 11.83 -76.37 -88.26
C GLU A 25 11.66 -76.93 -86.85
N SER A 26 12.50 -77.91 -86.53
CA SER A 26 12.50 -78.55 -85.20
C SER A 26 13.66 -77.95 -84.42
N VAL A 27 14.78 -77.79 -85.12
CA VAL A 27 15.98 -77.20 -84.55
C VAL A 27 16.08 -75.79 -85.14
N ASP A 28 15.18 -75.47 -86.06
CA ASP A 28 15.18 -74.14 -86.64
C ASP A 28 14.75 -73.27 -85.47
N LYS A 29 14.05 -73.91 -84.53
CA LYS A 29 13.57 -73.24 -83.33
C LYS A 29 14.73 -73.11 -82.36
N SER A 30 15.82 -73.82 -82.65
CA SER A 30 17.03 -73.75 -81.83
C SER A 30 17.62 -72.38 -82.12
N ALA A 31 17.68 -72.07 -83.41
CA ALA A 31 18.16 -70.78 -83.86
C ALA A 31 17.07 -69.85 -83.38
N GLY A 32 15.86 -70.40 -83.32
CA GLY A 32 14.69 -69.64 -82.86
C GLY A 32 14.68 -69.50 -81.36
N GLN A 33 15.51 -70.29 -80.69
CA GLN A 33 15.61 -70.22 -79.23
C GLN A 33 16.22 -68.87 -78.93
N VAL A 34 17.04 -68.37 -79.85
CA VAL A 34 17.70 -67.08 -79.70
C VAL A 34 16.67 -65.96 -79.87
N ALA A 35 15.52 -66.33 -80.44
CA ALA A 35 14.41 -65.40 -80.66
C ALA A 35 13.55 -65.46 -79.40
N ARG A 36 13.60 -66.62 -78.73
CA ARG A 36 12.88 -66.83 -77.49
C ARG A 36 13.69 -66.08 -76.43
N ASN A 37 14.53 -65.18 -76.93
CA ASN A 37 15.39 -64.35 -76.11
C ASN A 37 14.85 -62.92 -76.15
N THR A 38 14.32 -62.53 -77.31
CA THR A 38 13.75 -61.20 -77.48
C THR A 38 12.90 -60.88 -76.24
N GLY A 39 11.93 -61.75 -75.97
CA GLY A 39 11.05 -61.57 -74.83
C GLY A 39 11.76 -61.42 -73.51
N LEU A 40 13.05 -61.75 -73.49
CA LEU A 40 13.82 -61.63 -72.27
C LEU A 40 14.26 -60.19 -72.07
N LEU A 41 14.88 -59.60 -73.09
CA LEU A 41 15.30 -58.21 -72.97
C LEU A 41 13.99 -57.48 -72.70
N GLU A 42 13.06 -57.65 -73.63
CA GLU A 42 11.76 -57.04 -73.54
C GLU A 42 11.32 -56.98 -72.09
N SER A 43 10.70 -58.06 -71.64
CA SER A 43 10.16 -58.19 -70.28
C SER A 43 10.92 -57.46 -69.18
N GLN A 44 12.20 -57.21 -69.38
CA GLN A 44 12.94 -56.49 -68.38
C GLN A 44 12.61 -55.02 -68.52
N LEU A 45 12.90 -54.48 -69.70
CA LEU A 45 12.62 -53.08 -69.98
C LEU A 45 11.32 -52.62 -69.35
N SER A 46 10.32 -53.52 -69.34
CA SER A 46 9.01 -53.23 -68.79
C SER A 46 9.09 -52.76 -67.34
N ARG A 47 9.97 -53.44 -66.59
CA ARG A 47 10.20 -53.15 -65.18
C ARG A 47 10.70 -51.74 -64.92
N HIS A 48 11.16 -51.07 -65.98
CA HIS A 48 11.68 -49.71 -65.87
C HIS A 48 10.68 -48.65 -66.27
N ASP A 49 10.01 -48.83 -67.41
CA ASP A 49 9.04 -47.81 -67.77
C ASP A 49 8.12 -47.73 -66.55
N GLN A 50 7.92 -48.87 -65.89
CA GLN A 50 7.12 -48.89 -64.68
C GLN A 50 7.74 -47.90 -63.69
N MET A 51 8.95 -48.23 -63.25
CA MET A 51 9.71 -47.43 -62.30
C MET A 51 9.89 -45.98 -62.69
N LEU A 52 10.43 -45.76 -63.87
CA LEU A 52 10.65 -44.40 -64.27
C LEU A 52 9.33 -43.66 -64.07
N SER A 53 8.21 -44.29 -64.41
CA SER A 53 6.89 -43.67 -64.23
C SER A 53 6.64 -43.43 -62.75
N VAL A 54 6.65 -44.51 -61.99
CA VAL A 54 6.41 -44.44 -60.57
C VAL A 54 7.36 -43.41 -59.96
N HIS A 55 8.59 -43.41 -60.45
CA HIS A 55 9.57 -42.48 -59.97
C HIS A 55 9.16 -41.09 -60.41
N ASP A 56 8.82 -40.97 -61.69
CA ASP A 56 8.41 -39.69 -62.27
C ASP A 56 7.22 -39.11 -61.53
N ILE A 57 6.22 -39.95 -61.28
CA ILE A 57 5.03 -39.54 -60.56
C ILE A 57 5.49 -39.07 -59.18
N ARG A 58 6.56 -39.71 -58.69
CA ARG A 58 7.15 -39.38 -57.40
C ARG A 58 7.99 -38.10 -57.52
N LEU A 59 8.92 -38.09 -58.47
CA LEU A 59 9.73 -36.91 -58.68
C LEU A 59 8.72 -35.77 -58.75
N ALA A 60 7.87 -35.83 -59.77
CA ALA A 60 6.83 -34.82 -59.97
C ALA A 60 6.11 -34.58 -58.65
N ASP A 61 6.00 -35.64 -57.85
CA ASP A 61 5.33 -35.55 -56.56
C ASP A 61 6.18 -34.72 -55.60
N MET A 62 7.47 -35.04 -55.52
CA MET A 62 8.37 -34.33 -54.63
C MET A 62 8.33 -32.83 -54.89
N ASP A 63 7.98 -32.45 -56.11
CA ASP A 63 7.91 -31.04 -56.51
C ASP A 63 6.87 -30.28 -55.71
N LEU A 64 5.63 -30.74 -55.78
CA LEU A 64 4.53 -30.13 -55.06
C LEU A 64 4.92 -29.95 -53.59
N ARG A 65 5.32 -31.06 -52.95
CA ARG A 65 5.74 -31.04 -51.55
C ARG A 65 6.87 -30.02 -51.33
N PHE A 66 7.77 -29.90 -52.31
CA PHE A 66 8.85 -28.94 -52.15
C PHE A 66 8.40 -27.52 -52.42
N GLN A 67 7.35 -27.39 -53.23
CA GLN A 67 6.78 -26.09 -53.59
C GLN A 67 5.84 -25.68 -52.47
N VAL A 68 5.53 -26.65 -51.62
CA VAL A 68 4.63 -26.47 -50.50
C VAL A 68 5.38 -26.18 -49.21
N LEU A 69 6.50 -26.88 -49.03
CA LEU A 69 7.26 -26.69 -47.82
C LEU A 69 7.85 -25.28 -47.77
N GLU A 70 8.10 -24.73 -48.96
CA GLU A 70 8.67 -23.39 -49.11
C GLU A 70 7.69 -22.27 -48.77
N THR A 71 6.41 -22.54 -48.96
CA THR A 71 5.35 -21.57 -48.75
C THR A 71 4.35 -21.76 -47.58
N ALA A 72 4.80 -22.34 -46.45
CA ALA A 72 3.93 -22.55 -45.27
C ALA A 72 4.28 -21.65 -44.06
N SER A 73 3.43 -20.66 -43.79
CA SER A 73 3.67 -19.72 -42.70
C SER A 73 3.67 -20.32 -41.30
N TYR A 74 4.61 -19.86 -40.47
CA TYR A 74 4.75 -20.35 -39.12
C TYR A 74 4.67 -19.28 -38.03
N ASN A 75 3.59 -18.49 -38.02
CA ASN A 75 3.44 -17.46 -36.99
C ASN A 75 2.06 -16.81 -36.90
N GLY A 76 1.02 -17.62 -37.14
CA GLY A 76 -0.37 -17.16 -37.08
C GLY A 76 -0.83 -16.15 -38.12
N VAL A 77 -0.52 -16.42 -39.39
CA VAL A 77 -0.89 -15.53 -40.47
C VAL A 77 -0.62 -16.22 -41.82
N LEU A 78 -1.35 -15.81 -42.86
CA LEU A 78 -1.20 -16.38 -44.21
C LEU A 78 -1.30 -15.35 -45.32
N ILE A 79 -0.55 -15.60 -46.39
CA ILE A 79 -0.56 -14.76 -47.56
C ILE A 79 -0.47 -15.72 -48.75
N TRP A 80 -1.64 -16.10 -49.27
CA TRP A 80 -1.75 -17.01 -50.41
C TRP A 80 -1.80 -16.21 -51.71
N LYS A 81 -0.86 -16.48 -52.61
CA LYS A 81 -0.74 -15.79 -53.89
C LYS A 81 -1.42 -16.53 -55.04
N ILE A 82 -2.53 -15.97 -55.54
CA ILE A 82 -3.27 -16.58 -56.63
C ILE A 82 -3.05 -15.89 -57.96
N ARG A 83 -2.67 -16.70 -58.95
CA ARG A 83 -2.38 -16.26 -60.31
C ARG A 83 -3.20 -17.03 -61.36
N ASP A 84 -2.82 -16.91 -62.63
CA ASP A 84 -3.52 -17.58 -63.74
C ASP A 84 -5.02 -17.41 -63.49
N TYR A 85 -5.37 -16.25 -62.93
CA TYR A 85 -6.74 -15.93 -62.56
C TYR A 85 -7.84 -16.11 -63.60
N LYS A 86 -7.77 -15.40 -64.72
CA LYS A 86 -8.81 -15.55 -65.73
C LYS A 86 -8.85 -17.00 -66.21
N ARG A 87 -7.98 -17.82 -65.65
CA ARG A 87 -7.93 -19.24 -66.01
C ARG A 87 -8.69 -20.02 -64.95
N ARG A 88 -8.53 -19.59 -63.70
CA ARG A 88 -9.18 -20.22 -62.54
C ARG A 88 -10.55 -19.63 -62.13
N LYS A 89 -11.13 -18.81 -63.00
CA LYS A 89 -12.44 -18.23 -62.74
C LYS A 89 -13.35 -19.01 -63.66
N GLN A 90 -12.84 -19.22 -64.87
CA GLN A 90 -13.57 -19.96 -65.87
C GLN A 90 -13.60 -21.42 -65.48
N GLU A 91 -13.45 -21.69 -64.19
CA GLU A 91 -13.46 -23.06 -63.68
C GLU A 91 -14.62 -23.20 -62.69
N ALA A 92 -14.97 -22.07 -62.08
CA ALA A 92 -16.07 -22.02 -61.12
C ALA A 92 -17.28 -21.50 -61.87
N VAL A 93 -16.99 -20.70 -62.90
CA VAL A 93 -18.00 -20.11 -63.76
C VAL A 93 -18.55 -21.15 -64.74
N MET A 94 -17.65 -21.95 -65.32
CA MET A 94 -18.10 -23.00 -66.22
C MET A 94 -17.85 -24.34 -65.53
N GLY A 95 -18.27 -24.38 -64.26
CA GLY A 95 -18.16 -25.54 -63.40
C GLY A 95 -17.26 -26.70 -63.81
N LYS A 96 -16.11 -26.79 -63.16
CA LYS A 96 -15.14 -27.84 -63.42
C LYS A 96 -14.01 -27.85 -62.37
N THR A 97 -13.62 -26.66 -61.92
CA THR A 97 -12.57 -26.51 -60.91
C THR A 97 -13.00 -25.43 -59.91
N LEU A 98 -14.20 -25.61 -59.38
CA LEU A 98 -14.80 -24.65 -58.44
C LEU A 98 -13.84 -24.00 -57.46
N SER A 99 -13.55 -24.69 -56.37
CA SER A 99 -12.69 -24.19 -55.31
C SER A 99 -11.19 -24.48 -55.38
N LEU A 100 -10.42 -23.56 -54.82
CA LEU A 100 -8.98 -23.74 -54.78
C LEU A 100 -8.63 -23.62 -53.32
N TYR A 101 -7.44 -24.08 -52.96
CA TYR A 101 -6.99 -23.99 -51.59
C TYR A 101 -5.62 -23.32 -51.58
N SER A 102 -5.23 -22.83 -50.42
CA SER A 102 -3.95 -22.18 -50.26
C SER A 102 -2.92 -23.24 -49.89
N GLN A 103 -2.24 -22.99 -48.79
CA GLN A 103 -1.23 -23.90 -48.27
C GLN A 103 -1.54 -23.95 -46.80
N PRO A 104 -1.21 -25.07 -46.14
CA PRO A 104 -1.56 -25.00 -44.72
C PRO A 104 -0.67 -23.99 -44.02
N PHE A 105 -1.23 -23.28 -43.05
CA PHE A 105 -0.46 -22.33 -42.28
C PHE A 105 -0.71 -22.55 -40.78
N TYR A 106 0.36 -22.82 -40.04
CA TYR A 106 0.26 -23.11 -38.61
C TYR A 106 0.58 -21.92 -37.73
N THR A 107 0.28 -22.11 -36.44
CA THR A 107 0.53 -21.11 -35.40
C THR A 107 2.04 -21.19 -35.12
N GLY A 108 2.57 -22.37 -35.43
CA GLY A 108 3.98 -22.67 -35.24
C GLY A 108 4.34 -23.85 -36.14
N TYR A 109 5.29 -24.67 -35.71
CA TYR A 109 5.75 -25.82 -36.50
C TYR A 109 5.00 -27.12 -36.21
N PHE A 110 4.56 -27.26 -34.97
CA PHE A 110 3.85 -28.45 -34.50
C PHE A 110 2.49 -28.11 -33.91
N GLY A 111 1.57 -27.67 -34.77
CA GLY A 111 0.25 -27.32 -34.28
C GLY A 111 -0.87 -27.44 -35.30
N TYR A 112 -1.88 -26.58 -35.17
CA TYR A 112 -3.04 -26.53 -36.07
C TYR A 112 -2.66 -26.43 -37.56
N LYS A 113 -3.17 -27.33 -38.40
CA LYS A 113 -2.82 -27.27 -39.83
C LYS A 113 -3.85 -26.49 -40.66
N MET A 114 -4.21 -25.30 -40.19
CA MET A 114 -5.18 -24.43 -40.86
C MET A 114 -5.01 -24.17 -42.36
N CYS A 115 -5.74 -24.88 -43.22
CA CYS A 115 -5.63 -24.66 -44.66
C CYS A 115 -6.53 -23.50 -45.02
N ALA A 116 -6.68 -23.22 -46.32
CA ALA A 116 -7.54 -22.13 -46.80
C ALA A 116 -8.00 -22.36 -48.25
N ARG A 117 -9.31 -22.34 -48.45
CA ARG A 117 -9.93 -22.59 -49.76
C ARG A 117 -10.67 -21.37 -50.31
N VAL A 118 -10.54 -21.15 -51.63
CA VAL A 118 -11.20 -20.03 -52.30
C VAL A 118 -12.28 -20.38 -53.35
N TYR A 119 -13.43 -19.75 -53.17
CA TYR A 119 -14.57 -19.92 -54.03
C TYR A 119 -14.73 -18.51 -54.61
N LEU A 120 -13.85 -18.17 -55.54
CA LEU A 120 -13.84 -16.84 -56.18
C LEU A 120 -15.16 -16.50 -56.85
N ASN A 121 -15.77 -17.50 -57.49
CA ASN A 121 -17.06 -17.30 -58.14
C ASN A 121 -18.12 -17.46 -57.07
N GLY A 122 -17.88 -18.40 -56.16
CA GLY A 122 -18.80 -18.63 -55.05
C GLY A 122 -19.36 -20.01 -54.88
N ASP A 123 -19.99 -20.21 -53.73
CA ASP A 123 -20.68 -21.45 -53.35
C ASP A 123 -21.95 -21.10 -52.58
N GLY A 124 -23.10 -21.47 -53.11
CA GLY A 124 -24.34 -21.23 -52.40
C GLY A 124 -24.78 -19.78 -52.31
N MET A 125 -25.07 -19.31 -51.09
CA MET A 125 -25.56 -17.94 -50.89
C MET A 125 -24.53 -16.86 -51.20
N GLY A 126 -23.97 -16.96 -52.40
CA GLY A 126 -22.97 -16.03 -52.89
C GLY A 126 -22.27 -16.71 -54.05
N LYS A 127 -23.06 -17.38 -54.89
CA LYS A 127 -22.53 -18.10 -56.03
C LYS A 127 -22.85 -17.38 -57.35
N GLY A 128 -21.87 -16.67 -57.89
CA GLY A 128 -22.05 -15.95 -59.14
C GLY A 128 -22.62 -14.55 -58.92
N THR A 129 -22.66 -14.13 -57.67
CA THR A 129 -23.17 -12.82 -57.29
C THR A 129 -22.25 -12.27 -56.22
N HIS A 130 -21.22 -13.04 -55.93
CA HIS A 130 -20.22 -12.69 -54.93
C HIS A 130 -19.03 -13.64 -55.07
N LEU A 131 -17.95 -13.35 -54.36
CA LEU A 131 -16.75 -14.19 -54.34
C LEU A 131 -16.64 -14.67 -52.90
N SER A 132 -16.80 -15.97 -52.69
CA SER A 132 -16.75 -16.54 -51.36
C SER A 132 -15.35 -17.04 -51.00
N LEU A 133 -14.93 -16.75 -49.77
CA LEU A 133 -13.64 -17.17 -49.26
C LEU A 133 -13.78 -17.62 -47.83
N PHE A 134 -13.34 -18.83 -47.53
CA PHE A 134 -13.48 -19.32 -46.18
C PHE A 134 -12.18 -19.74 -45.50
N PHE A 135 -12.27 -19.90 -44.18
CA PHE A 135 -11.17 -20.31 -43.32
C PHE A 135 -11.33 -21.79 -42.90
N VAL A 136 -10.33 -22.60 -43.22
CA VAL A 136 -10.32 -24.01 -42.90
C VAL A 136 -9.50 -24.27 -41.64
N ILE A 137 -9.46 -25.52 -41.22
CA ILE A 137 -8.71 -26.00 -40.06
C ILE A 137 -8.49 -27.46 -40.40
N MET A 138 -7.25 -27.91 -40.35
CA MET A 138 -6.94 -29.29 -40.69
C MET A 138 -6.48 -30.14 -39.51
N ARG A 139 -6.40 -31.43 -39.77
CA ARG A 139 -5.95 -32.39 -38.79
C ARG A 139 -4.44 -32.54 -39.01
N GLY A 140 -3.66 -32.07 -38.04
CA GLY A 140 -2.21 -32.18 -38.15
C GLY A 140 -1.60 -32.66 -36.85
N GLU A 141 -1.12 -33.91 -36.84
CA GLU A 141 -0.49 -34.53 -35.67
C GLU A 141 -0.76 -33.80 -34.35
N TYR A 142 -0.07 -32.68 -34.17
CA TYR A 142 -0.19 -31.89 -32.96
C TYR A 142 -1.56 -31.21 -32.75
N ASP A 143 -2.63 -31.90 -33.12
CA ASP A 143 -3.96 -31.35 -32.86
C ASP A 143 -4.14 -31.79 -31.41
N ALA A 144 -3.90 -33.08 -31.23
CA ALA A 144 -4.03 -33.77 -29.95
C ALA A 144 -3.64 -32.94 -28.74
N LEU A 145 -2.37 -32.58 -28.65
CA LEU A 145 -1.89 -31.81 -27.51
C LEU A 145 -2.34 -30.33 -27.49
N LEU A 146 -2.69 -29.78 -28.65
CA LEU A 146 -3.12 -28.39 -28.72
C LEU A 146 -4.60 -28.19 -28.39
N PRO A 147 -4.91 -27.18 -27.54
CA PRO A 147 -6.25 -26.79 -27.08
C PRO A 147 -7.38 -26.87 -28.09
N TRP A 148 -8.41 -27.62 -27.70
CA TRP A 148 -9.59 -27.82 -28.52
C TRP A 148 -10.84 -27.43 -27.74
N PRO A 149 -11.89 -26.98 -28.47
CA PRO A 149 -11.85 -26.86 -29.93
C PRO A 149 -11.20 -25.54 -30.33
N PHE A 150 -10.98 -25.36 -31.62
CA PHE A 150 -10.38 -24.13 -32.10
C PHE A 150 -11.12 -23.00 -31.42
N LYS A 151 -10.39 -21.97 -30.97
CA LYS A 151 -11.00 -20.84 -30.30
C LYS A 151 -10.17 -19.59 -30.52
N GLN A 152 -9.77 -19.37 -31.77
CA GLN A 152 -8.95 -18.21 -32.13
C GLN A 152 -9.56 -17.30 -33.21
N LYS A 153 -9.40 -15.99 -33.03
CA LYS A 153 -9.91 -15.00 -33.96
C LYS A 153 -9.31 -15.32 -35.31
N VAL A 154 -10.01 -15.00 -36.38
CA VAL A 154 -9.52 -15.31 -37.72
C VAL A 154 -9.92 -14.23 -38.73
N THR A 155 -9.10 -13.18 -38.87
CA THR A 155 -9.40 -12.09 -39.82
C THR A 155 -9.16 -12.47 -41.29
N LEU A 156 -10.24 -12.52 -42.06
CA LEU A 156 -10.18 -12.89 -43.48
C LEU A 156 -10.21 -11.69 -44.42
N MET A 157 -9.06 -11.31 -44.98
CA MET A 157 -9.00 -10.16 -45.88
C MET A 157 -8.42 -10.41 -47.29
N LEU A 158 -8.64 -9.43 -48.18
CA LEU A 158 -8.19 -9.46 -49.58
C LEU A 158 -7.12 -8.42 -49.89
N MET A 159 -5.94 -8.91 -50.28
CA MET A 159 -4.82 -8.04 -50.58
C MET A 159 -4.76 -7.59 -52.02
N ASP A 160 -4.72 -6.26 -52.22
CA ASP A 160 -4.63 -5.66 -53.54
C ASP A 160 -3.17 -5.36 -53.89
N GLN A 161 -2.85 -5.50 -55.18
CA GLN A 161 -1.51 -5.28 -55.67
C GLN A 161 -1.21 -3.79 -55.78
N GLY A 162 -2.23 -3.01 -56.13
CA GLY A 162 -2.05 -1.58 -56.25
C GLY A 162 -1.57 -0.93 -54.97
N SER A 163 -1.80 0.38 -54.85
CA SER A 163 -1.39 1.14 -53.67
C SER A 163 -1.92 0.57 -52.36
N SER A 164 -2.25 1.47 -51.43
CA SER A 164 -2.76 1.06 -50.12
C SER A 164 -3.96 0.12 -50.24
N ARG A 165 -4.86 0.46 -51.15
CA ARG A 165 -6.09 -0.31 -51.40
C ARG A 165 -6.66 -1.06 -50.21
N ARG A 166 -7.74 -0.52 -49.67
CA ARG A 166 -8.42 -1.10 -48.50
C ARG A 166 -8.35 -2.62 -48.57
N HIS A 167 -8.07 -3.23 -47.42
CA HIS A 167 -7.98 -4.69 -47.33
C HIS A 167 -9.36 -5.25 -46.96
N LEU A 168 -10.14 -5.53 -47.99
CA LEU A 168 -11.48 -6.05 -47.82
C LEU A 168 -11.46 -7.39 -47.08
N GLY A 169 -12.32 -7.50 -46.08
CA GLY A 169 -12.41 -8.72 -45.29
C GLY A 169 -12.59 -8.44 -43.82
N ASP A 170 -12.99 -9.47 -43.09
CA ASP A 170 -13.22 -9.36 -41.65
C ASP A 170 -12.82 -10.64 -40.97
N ALA A 171 -12.92 -10.62 -39.64
CA ALA A 171 -12.61 -11.74 -38.78
C ALA A 171 -13.93 -12.32 -38.31
N PHE A 172 -13.92 -12.84 -37.08
CA PHE A 172 -15.10 -13.42 -36.45
C PHE A 172 -14.67 -14.42 -35.39
N LYS A 173 -15.23 -14.28 -34.19
CA LYS A 173 -14.89 -15.17 -33.08
C LYS A 173 -15.53 -16.53 -33.26
N PRO A 174 -14.76 -17.60 -32.99
CA PRO A 174 -15.26 -18.96 -33.13
C PRO A 174 -16.28 -19.32 -32.08
N ASP A 175 -17.42 -19.85 -32.54
CA ASP A 175 -18.48 -20.29 -31.64
C ASP A 175 -18.16 -21.78 -31.52
N PRO A 176 -17.33 -22.16 -30.53
CA PRO A 176 -16.89 -23.52 -30.24
C PRO A 176 -17.89 -24.62 -30.54
N ASN A 177 -19.15 -24.24 -30.71
CA ASN A 177 -20.21 -25.20 -31.02
C ASN A 177 -20.29 -25.40 -32.54
N SER A 178 -19.57 -24.54 -33.26
CA SER A 178 -19.53 -24.62 -34.71
C SER A 178 -18.88 -25.96 -35.04
N SER A 179 -19.42 -26.66 -36.02
CA SER A 179 -18.89 -27.96 -36.42
C SER A 179 -17.64 -27.87 -37.31
N SER A 180 -17.03 -26.69 -37.37
CA SER A 180 -15.83 -26.44 -38.17
C SER A 180 -14.61 -26.16 -37.29
N PHE A 181 -14.86 -26.13 -35.98
CA PHE A 181 -13.84 -25.84 -34.98
C PHE A 181 -13.59 -27.01 -34.02
N LYS A 182 -14.05 -28.19 -34.40
CA LYS A 182 -13.82 -29.37 -33.57
C LYS A 182 -12.37 -29.80 -33.74
N LYS A 183 -11.94 -30.83 -33.00
CA LYS A 183 -10.59 -31.38 -33.10
C LYS A 183 -10.64 -32.40 -34.24
N PRO A 184 -10.30 -31.99 -35.48
CA PRO A 184 -10.31 -32.83 -36.67
C PRO A 184 -10.25 -34.32 -36.45
N THR A 185 -10.95 -35.05 -37.31
CA THR A 185 -11.00 -36.51 -37.25
C THR A 185 -10.79 -37.09 -38.65
N GLY A 186 -10.89 -36.21 -39.66
CA GLY A 186 -10.69 -36.61 -41.03
C GLY A 186 -9.84 -35.58 -41.73
N GLU A 187 -9.17 -35.98 -42.81
CA GLU A 187 -8.27 -35.10 -43.55
C GLU A 187 -8.47 -33.58 -43.44
N MET A 188 -9.72 -33.12 -43.47
CA MET A 188 -9.98 -31.69 -43.34
C MET A 188 -11.27 -31.41 -42.56
N ASN A 189 -11.69 -30.14 -42.51
CA ASN A 189 -12.91 -29.75 -41.80
C ASN A 189 -14.04 -29.15 -42.63
N ILE A 190 -15.06 -28.68 -41.90
CA ILE A 190 -16.23 -28.05 -42.46
C ILE A 190 -15.84 -26.58 -42.65
N ALA A 191 -15.87 -26.09 -43.89
CA ALA A 191 -15.52 -24.70 -44.14
C ALA A 191 -16.30 -23.85 -43.14
N SER A 192 -15.94 -22.60 -42.96
CA SER A 192 -16.68 -21.77 -42.00
C SER A 192 -16.57 -20.26 -42.25
N GLY A 193 -16.14 -19.89 -43.46
CA GLY A 193 -15.97 -18.49 -43.82
C GLY A 193 -17.22 -17.77 -44.30
N CYS A 194 -17.05 -16.84 -45.25
CA CYS A 194 -18.16 -16.07 -45.80
C CYS A 194 -18.43 -16.33 -47.27
N PRO A 195 -19.62 -16.84 -47.60
CA PRO A 195 -19.91 -17.11 -49.01
C PRO A 195 -19.99 -15.71 -49.64
N VAL A 196 -20.17 -14.73 -48.76
CA VAL A 196 -20.26 -13.34 -49.15
C VAL A 196 -18.96 -12.64 -48.76
N PHE A 197 -18.22 -12.16 -49.76
CA PHE A 197 -16.98 -11.48 -49.46
C PHE A 197 -16.88 -10.16 -50.22
N VAL A 198 -16.50 -10.24 -51.48
CA VAL A 198 -16.37 -9.05 -52.28
C VAL A 198 -17.16 -9.28 -53.54
N ALA A 199 -18.15 -8.42 -53.79
CA ALA A 199 -18.98 -8.55 -54.98
C ALA A 199 -18.06 -8.66 -56.17
N GLN A 200 -18.13 -9.78 -56.88
CA GLN A 200 -17.26 -9.95 -58.04
C GLN A 200 -17.19 -8.66 -58.88
N THR A 201 -18.24 -7.85 -58.80
CA THR A 201 -18.34 -6.58 -59.54
C THR A 201 -17.52 -5.45 -58.89
N VAL A 202 -16.71 -5.84 -57.90
CA VAL A 202 -15.83 -4.89 -57.19
C VAL A 202 -14.42 -5.45 -57.26
N LEU A 203 -14.31 -6.77 -57.13
CA LEU A 203 -13.03 -7.45 -57.20
C LEU A 203 -12.38 -7.19 -58.55
N GLU A 204 -13.17 -7.38 -59.61
CA GLU A 204 -12.71 -7.18 -60.98
C GLU A 204 -12.90 -5.72 -61.42
N ASN A 205 -13.43 -4.91 -60.51
CA ASN A 205 -13.66 -3.49 -60.77
C ASN A 205 -12.50 -2.72 -60.14
N GLY A 206 -11.39 -3.44 -59.94
CA GLY A 206 -10.20 -2.84 -59.35
C GLY A 206 -8.88 -3.41 -59.86
N THR A 207 -7.87 -3.33 -59.01
CA THR A 207 -6.55 -3.82 -59.35
C THR A 207 -6.31 -5.12 -58.61
N TYR A 208 -7.32 -5.57 -57.89
CA TYR A 208 -7.23 -6.80 -57.13
C TYR A 208 -6.72 -7.93 -58.02
N ILE A 209 -6.64 -7.69 -59.31
CA ILE A 209 -6.17 -8.71 -60.23
C ILE A 209 -5.03 -8.23 -61.14
N LYS A 210 -4.04 -7.55 -60.56
CA LYS A 210 -2.89 -7.02 -61.30
C LYS A 210 -2.05 -8.14 -61.91
N ASP A 211 -1.37 -7.83 -63.02
CA ASP A 211 -0.56 -8.82 -63.74
C ASP A 211 -1.32 -10.13 -63.81
N ASP A 212 -2.62 -10.04 -63.52
CA ASP A 212 -3.54 -11.18 -63.48
C ASP A 212 -3.14 -12.05 -62.30
N THR A 213 -3.32 -11.50 -61.10
CA THR A 213 -2.98 -12.19 -59.87
C THR A 213 -3.64 -11.53 -58.65
N ILE A 214 -4.08 -12.35 -57.69
CA ILE A 214 -4.73 -11.84 -56.48
C ILE A 214 -4.03 -12.39 -55.27
N PHE A 215 -4.22 -11.71 -54.15
CA PHE A 215 -3.62 -12.14 -52.90
C PHE A 215 -4.61 -12.02 -51.76
N ILE A 216 -4.61 -13.03 -50.87
CA ILE A 216 -5.48 -13.06 -49.69
C ILE A 216 -4.64 -13.20 -48.40
N LYS A 217 -4.95 -12.36 -47.42
CA LYS A 217 -4.27 -12.36 -46.14
C LYS A 217 -5.20 -12.91 -45.05
N VAL A 218 -4.70 -13.92 -44.33
CA VAL A 218 -5.42 -14.56 -43.24
C VAL A 218 -4.69 -14.16 -41.96
N ILE A 219 -5.44 -13.93 -40.90
CA ILE A 219 -4.86 -13.48 -39.64
C ILE A 219 -5.50 -14.17 -38.46
N VAL A 220 -4.76 -15.06 -37.82
CA VAL A 220 -5.24 -15.79 -36.65
C VAL A 220 -4.83 -15.10 -35.34
N ASP A 221 -5.66 -14.18 -34.87
CA ASP A 221 -5.41 -13.41 -33.66
C ASP A 221 -4.97 -14.30 -32.48
N THR A 222 -3.66 -14.55 -32.43
CA THR A 222 -3.07 -15.37 -31.37
C THR A 222 -2.79 -14.51 -30.13
N SER A 223 -2.69 -13.21 -30.36
CA SER A 223 -2.42 -12.20 -29.32
C SER A 223 -2.33 -12.69 -27.89
N ASP A 224 -3.48 -12.70 -27.21
CA ASP A 224 -3.58 -13.11 -25.82
C ASP A 224 -3.81 -14.63 -25.69
N LEU A 225 -2.74 -15.39 -25.66
CA LEU A 225 -2.81 -16.85 -25.55
C LEU A 225 -1.71 -17.25 -24.56
N PRO A 226 -1.89 -18.37 -23.81
CA PRO A 226 -0.86 -18.79 -22.85
C PRO A 226 0.51 -19.00 -23.50
N ASP A 227 1.50 -18.29 -22.99
CA ASP A 227 2.89 -18.39 -23.48
C ASP A 227 3.85 -18.88 -22.39
N PRO A 228 4.98 -19.49 -22.77
CA PRO A 228 5.96 -20.01 -21.82
C PRO A 228 6.43 -18.95 -20.84
N LYS B 1 -19.94 -16.04 -25.05
CA LYS B 1 -20.11 -14.62 -25.46
C LYS B 1 -19.23 -14.38 -26.68
N THR B 2 -19.17 -15.36 -27.57
CA THR B 2 -18.34 -15.25 -28.77
C THR B 2 -19.04 -14.71 -30.03
N ALA B 3 -19.15 -15.59 -31.03
CA ALA B 3 -19.75 -15.22 -32.29
C ALA B 3 -20.42 -16.42 -32.98
N ALA B 4 -21.63 -16.19 -33.51
CA ALA B 4 -22.44 -17.21 -34.21
C ALA B 4 -22.31 -17.11 -35.73
N PRO B 5 -21.41 -17.92 -36.34
CA PRO B 5 -21.14 -17.98 -37.77
C PRO B 5 -21.79 -19.16 -38.49
N VAL B 6 -21.35 -19.40 -39.73
CA VAL B 6 -21.89 -20.50 -40.51
C VAL B 6 -20.95 -21.70 -40.43
N GLN B 7 -21.52 -22.89 -40.57
CA GLN B 7 -20.75 -24.13 -40.60
C GLN B 7 -20.84 -24.54 -42.06
N GLU B 8 -21.17 -25.81 -42.29
CA GLU B 8 -21.37 -26.34 -43.63
C GLU B 8 -22.24 -27.60 -43.51
N THR B 9 -22.37 -28.34 -44.60
CA THR B 9 -23.22 -29.52 -44.61
C THR B 9 -22.32 -30.74 -44.44
N LEU B 10 -22.17 -31.49 -45.54
CA LEU B 10 -21.33 -32.68 -45.61
C LEU B 10 -21.54 -33.47 -46.91
N HIS B 11 -20.47 -33.57 -47.68
CA HIS B 11 -20.41 -34.26 -48.98
C HIS B 11 -21.15 -35.59 -49.05
N GLY B 12 -21.37 -36.05 -50.29
CA GLY B 12 -22.07 -37.29 -50.52
C GLY B 12 -21.36 -38.32 -51.41
N SER B 13 -21.73 -38.38 -52.68
CA SER B 13 -21.16 -39.35 -53.62
C SER B 13 -21.67 -39.13 -55.02
N GLN B 14 -22.90 -38.65 -55.12
CA GLN B 14 -23.56 -38.41 -56.41
C GLN B 14 -23.29 -36.99 -56.93
N PRO B 15 -23.81 -36.69 -58.13
CA PRO B 15 -23.61 -35.35 -58.69
C PRO B 15 -24.44 -34.40 -57.85
N VAL B 16 -24.01 -33.14 -57.77
CA VAL B 16 -24.73 -32.11 -57.00
C VAL B 16 -23.80 -30.94 -56.71
N THR B 17 -24.35 -29.83 -56.21
CA THR B 17 -23.51 -28.68 -55.90
C THR B 17 -23.23 -28.53 -54.42
N GLN B 18 -22.04 -28.02 -54.14
CA GLN B 18 -21.65 -27.67 -52.78
C GLN B 18 -22.71 -26.77 -52.15
N GLU B 19 -23.70 -27.38 -51.50
CA GLU B 19 -24.68 -26.62 -50.71
C GLU B 19 -24.64 -26.98 -49.22
N ASP B 20 -24.86 -25.97 -48.38
CA ASP B 20 -25.49 -26.11 -47.06
C ASP B 20 -26.41 -24.92 -46.68
N GLY B 21 -27.71 -25.16 -46.54
CA GLY B 21 -28.60 -24.06 -46.18
C GLY B 21 -28.85 -23.90 -44.69
N LEU C 24 13.49 -33.16 16.28
CA LEU C 24 14.37 -32.47 15.29
C LEU C 24 13.54 -31.57 14.38
N GLU C 25 12.22 -31.63 14.56
CA GLU C 25 11.29 -30.83 13.77
C GLU C 25 10.22 -30.29 14.71
N SER C 26 9.72 -31.17 15.56
CA SER C 26 8.70 -30.82 16.53
C SER C 26 9.32 -30.04 17.70
N VAL C 27 10.52 -30.43 18.08
CA VAL C 27 11.27 -29.83 19.19
C VAL C 27 11.48 -28.32 19.11
N ASP C 28 10.95 -27.71 18.05
CA ASP C 28 11.10 -26.27 17.87
C ASP C 28 10.29 -25.50 18.91
N LYS C 29 9.06 -25.95 19.16
CA LYS C 29 8.20 -25.32 20.15
C LYS C 29 7.67 -26.33 21.16
N SER C 30 7.69 -27.62 20.80
CA SER C 30 7.24 -28.66 21.70
C SER C 30 8.38 -29.03 22.66
N ALA C 31 9.61 -28.86 22.17
CA ALA C 31 10.81 -29.12 22.96
C ALA C 31 11.61 -27.81 22.97
N GLY C 32 11.12 -26.86 22.18
CA GLY C 32 11.75 -25.55 22.13
C GLY C 32 11.08 -24.71 23.20
N GLN C 33 10.92 -25.30 24.38
CA GLN C 33 10.29 -24.61 25.50
C GLN C 33 11.36 -23.80 26.24
N VAL C 34 12.02 -22.93 25.49
CA VAL C 34 13.08 -22.07 26.02
C VAL C 34 12.52 -20.71 26.45
N ALA C 35 11.80 -20.07 25.52
CA ALA C 35 11.21 -18.76 25.78
C ALA C 35 10.16 -18.75 26.88
N ARG C 36 9.75 -19.94 27.34
CA ARG C 36 8.75 -20.04 28.41
C ARG C 36 9.46 -19.76 29.72
N ASN C 37 10.63 -20.37 29.87
CA ASN C 37 11.44 -20.12 31.06
C ASN C 37 11.65 -18.62 31.00
N THR C 38 12.01 -18.15 29.81
CA THR C 38 12.25 -16.73 29.55
C THR C 38 10.98 -15.94 29.89
N GLY C 39 9.87 -16.39 29.32
CA GLY C 39 8.60 -15.72 29.55
C GLY C 39 8.55 -15.23 30.97
N LEU C 40 8.75 -16.17 31.90
CA LEU C 40 8.73 -15.84 33.31
C LEU C 40 9.92 -14.94 33.64
N LEU C 41 11.05 -15.19 32.99
CA LEU C 41 12.25 -14.39 33.23
C LEU C 41 12.07 -12.92 32.88
N GLU C 42 11.90 -12.61 31.59
CA GLU C 42 11.71 -11.21 31.19
C GLU C 42 10.64 -10.56 32.09
N SER C 43 9.56 -11.32 32.34
CA SER C 43 8.42 -10.90 33.14
C SER C 43 8.69 -10.64 34.64
N GLN C 44 8.92 -11.71 35.40
CA GLN C 44 9.19 -11.55 36.83
C GLN C 44 10.24 -10.48 36.96
N LEU C 45 11.13 -10.44 35.97
CA LEU C 45 12.20 -9.46 35.92
C LEU C 45 11.60 -8.06 36.01
N SER C 46 10.61 -7.79 35.15
CA SER C 46 9.95 -6.49 35.14
C SER C 46 9.23 -6.20 36.45
N ARG C 47 8.69 -7.24 37.10
CA ARG C 47 7.99 -7.05 38.37
C ARG C 47 9.00 -6.52 39.38
N HIS C 48 10.27 -6.82 39.10
CA HIS C 48 11.38 -6.35 39.94
C HIS C 48 11.60 -4.94 39.45
N ASP C 49 11.53 -4.80 38.12
CA ASP C 49 11.70 -3.52 37.44
C ASP C 49 10.75 -2.44 37.93
N GLN C 50 9.56 -2.87 38.35
CA GLN C 50 8.55 -1.94 38.83
C GLN C 50 8.67 -1.64 40.32
N MET C 51 8.64 -2.70 41.11
CA MET C 51 8.71 -2.57 42.57
C MET C 51 9.93 -1.77 43.01
N LEU C 52 11.02 -1.93 42.28
CA LEU C 52 12.23 -1.21 42.63
C LEU C 52 11.96 0.28 42.39
N SER C 53 11.48 0.60 41.18
CA SER C 53 11.13 1.97 40.76
C SER C 53 9.96 2.53 41.58
N VAL C 54 9.99 2.26 42.89
CA VAL C 54 8.96 2.68 43.83
C VAL C 54 9.59 3.13 45.13
N HIS C 55 10.89 2.88 45.25
CA HIS C 55 11.58 3.25 46.46
C HIS C 55 12.55 4.40 46.28
N ASP C 56 13.09 4.54 45.08
CA ASP C 56 13.99 5.65 44.81
C ASP C 56 13.10 6.85 45.06
N ILE C 57 11.82 6.63 44.76
CA ILE C 57 10.77 7.62 44.94
C ILE C 57 10.37 7.66 46.41
N ARG C 58 9.97 6.50 46.92
CA ARG C 58 9.55 6.34 48.32
C ARG C 58 10.61 6.90 49.27
N LEU C 59 11.87 6.50 49.05
CA LEU C 59 12.97 6.99 49.86
C LEU C 59 13.23 8.44 49.47
N ALA C 60 13.04 8.74 48.18
CA ALA C 60 13.23 10.07 47.67
C ALA C 60 12.49 11.05 48.56
N ASP C 61 11.18 11.01 48.46
CA ASP C 61 10.31 11.88 49.25
C ASP C 61 10.61 11.66 50.73
N MET C 62 10.71 10.40 51.12
CA MET C 62 10.97 9.99 52.50
C MET C 62 12.00 10.83 53.23
N ASP C 63 13.17 10.97 52.60
CA ASP C 63 14.27 11.76 53.15
C ASP C 63 13.86 13.24 53.14
N LEU C 64 13.11 13.63 52.11
CA LEU C 64 12.62 15.01 51.97
C LEU C 64 11.80 15.43 53.19
N ARG C 65 11.03 14.49 53.74
CA ARG C 65 10.18 14.77 54.89
C ARG C 65 11.00 15.04 56.15
N PHE C 66 12.12 14.35 56.24
CA PHE C 66 12.98 14.51 57.40
C PHE C 66 13.32 15.98 57.56
N GLN C 67 14.12 16.47 56.63
CA GLN C 67 14.59 17.85 56.60
C GLN C 67 13.48 18.86 56.91
N VAL C 68 12.25 18.51 56.56
CA VAL C 68 11.11 19.39 56.82
C VAL C 68 10.82 19.34 58.31
N LEU C 69 11.01 18.15 58.89
CA LEU C 69 10.81 17.93 60.31
C LEU C 69 12.07 18.41 61.03
N GLU C 70 13.18 18.39 60.30
CA GLU C 70 14.47 18.84 60.83
C GLU C 70 14.49 20.37 60.80
N THR C 71 13.47 20.95 60.16
CA THR C 71 13.34 22.40 60.00
C THR C 71 12.14 23.02 60.71
N ALA C 72 11.17 22.18 61.10
CA ALA C 72 9.96 22.65 61.76
C ALA C 72 10.14 23.37 63.10
N SER C 73 9.14 24.18 63.46
CA SER C 73 9.14 24.92 64.71
C SER C 73 7.74 25.00 65.30
N TYR C 74 7.66 25.02 66.62
CA TYR C 74 6.40 25.07 67.35
C TYR C 74 6.41 26.09 68.51
N ASN C 75 6.59 27.36 68.16
CA ASN C 75 6.57 28.43 69.15
C ASN C 75 6.21 29.79 68.48
N GLY C 76 5.74 29.71 67.24
CA GLY C 76 5.34 30.91 66.53
C GLY C 76 6.41 31.49 65.62
N VAL C 77 7.64 31.02 65.75
CA VAL C 77 8.72 31.53 64.92
C VAL C 77 9.05 30.62 63.74
N LEU C 78 9.42 31.23 62.62
CA LEU C 78 9.76 30.52 61.40
C LEU C 78 10.90 31.20 60.68
N ILE C 79 12.02 30.50 60.52
CA ILE C 79 13.15 31.07 59.80
C ILE C 79 13.16 30.37 58.44
N TRP C 80 13.29 31.16 57.38
CA TRP C 80 13.32 30.66 56.00
C TRP C 80 14.70 30.90 55.36
N LYS C 81 15.40 29.82 55.08
CA LYS C 81 16.72 29.86 54.47
C LYS C 81 16.57 29.45 53.01
N ILE C 82 16.55 30.45 52.14
CA ILE C 82 16.41 30.23 50.70
C ILE C 82 17.80 30.33 50.09
N ARG C 83 18.23 29.27 49.42
CA ARG C 83 19.57 29.24 48.82
C ARG C 83 19.63 29.17 47.30
N ASP C 84 20.60 29.89 46.76
CA ASP C 84 20.84 30.00 45.33
C ASP C 84 19.90 31.03 44.71
N TYR C 85 19.88 32.21 45.33
CA TYR C 85 19.06 33.32 44.89
C TYR C 85 19.27 33.45 43.39
N LYS C 86 20.40 32.95 42.91
CA LYS C 86 20.69 32.99 41.49
C LYS C 86 19.51 32.40 40.74
N ARG C 87 19.55 31.11 40.43
CA ARG C 87 18.44 30.49 39.71
C ARG C 87 17.13 30.77 40.42
N ARG C 88 17.16 30.64 41.75
CA ARG C 88 15.99 30.85 42.59
C ARG C 88 15.25 32.14 42.23
N LYS C 89 15.96 33.04 41.55
CA LYS C 89 15.42 34.32 41.10
C LYS C 89 15.11 34.31 39.60
N GLN C 90 16.13 34.03 38.79
CA GLN C 90 15.95 34.00 37.34
C GLN C 90 14.83 33.03 36.94
N GLU C 91 14.62 31.99 37.74
CA GLU C 91 13.55 31.05 37.42
C GLU C 91 12.20 31.69 37.62
N ALA C 92 12.13 32.65 38.53
CA ALA C 92 10.90 33.38 38.76
C ALA C 92 10.74 34.12 37.44
N VAL C 93 11.72 34.96 37.15
CA VAL C 93 11.80 35.74 35.92
C VAL C 93 11.37 34.91 34.71
N MET C 94 12.23 33.97 34.30
CA MET C 94 11.99 33.10 33.15
C MET C 94 10.58 32.47 33.11
N GLY C 95 9.89 32.48 34.25
CA GLY C 95 8.56 31.89 34.30
C GLY C 95 8.65 30.37 34.27
N LYS C 96 9.27 29.82 35.30
CA LYS C 96 9.45 28.38 35.41
C LYS C 96 9.44 27.96 36.88
N THR C 97 9.47 28.96 37.76
CA THR C 97 9.43 28.76 39.21
C THR C 97 9.09 30.14 39.78
N LEU C 98 7.79 30.40 39.94
CA LEU C 98 7.30 31.71 40.40
C LEU C 98 7.15 31.97 41.89
N SER C 99 6.54 31.03 42.61
CA SER C 99 6.33 31.18 44.05
C SER C 99 7.13 30.18 44.88
N LEU C 100 7.32 30.48 46.17
CA LEU C 100 8.07 29.57 47.03
C LEU C 100 7.38 29.26 48.36
N TYR C 101 7.46 28.00 48.76
CA TYR C 101 6.80 27.57 49.98
C TYR C 101 7.79 27.15 51.08
N SER C 102 7.57 27.63 52.30
CA SER C 102 8.43 27.34 53.44
C SER C 102 8.02 26.10 54.23
N GLN C 103 8.92 25.70 55.13
CA GLN C 103 8.73 24.55 56.01
C GLN C 103 7.73 24.92 57.12
N PRO C 104 6.44 24.64 56.88
CA PRO C 104 5.35 24.92 57.82
C PRO C 104 5.75 25.09 59.27
N PHE C 105 5.54 26.28 59.81
CA PHE C 105 5.85 26.53 61.20
C PHE C 105 4.52 26.53 61.94
N TYR C 106 4.55 26.18 63.22
CA TYR C 106 3.34 26.09 64.03
C TYR C 106 3.26 27.18 65.12
N THR C 107 2.08 27.36 65.71
CA THR C 107 1.89 28.37 66.76
C THR C 107 1.97 27.75 68.15
N GLY C 108 2.51 26.55 68.23
CA GLY C 108 2.63 25.86 69.49
C GLY C 108 2.77 24.36 69.25
N TYR C 109 2.78 23.57 70.32
CA TYR C 109 2.92 22.13 70.14
C TYR C 109 1.72 21.52 69.46
N PHE C 110 0.53 21.82 69.97
CA PHE C 110 -0.70 21.30 69.39
C PHE C 110 -1.63 22.45 68.96
N GLY C 111 -1.01 23.57 68.55
CA GLY C 111 -1.74 24.74 68.11
C GLY C 111 -1.88 24.86 66.59
N TYR C 112 -1.82 26.09 66.08
CA TYR C 112 -1.95 26.39 64.65
C TYR C 112 -0.84 25.92 63.77
N LYS C 113 -1.16 25.60 62.52
CA LYS C 113 -0.17 25.17 61.56
C LYS C 113 -0.29 26.02 60.29
N MET C 114 0.82 26.64 59.86
CA MET C 114 0.79 27.49 58.67
C MET C 114 1.77 27.07 57.57
N CYS C 115 2.33 28.08 56.91
CA CYS C 115 3.31 27.92 55.82
C CYS C 115 4.05 29.25 55.56
N ALA C 116 3.91 29.77 54.33
CA ALA C 116 4.52 31.03 53.90
C ALA C 116 4.77 31.01 52.38
N ARG C 117 4.30 32.05 51.69
CA ARG C 117 4.48 32.13 50.25
C ARG C 117 5.31 33.35 49.84
N VAL C 118 6.24 33.13 48.91
CA VAL C 118 7.11 34.22 48.42
C VAL C 118 7.43 34.08 46.92
N TYR C 119 7.54 35.23 46.26
CA TYR C 119 7.86 35.30 44.84
C TYR C 119 9.10 36.19 44.77
N LEU C 120 10.23 35.62 44.37
CA LEU C 120 11.48 36.37 44.34
C LEU C 120 11.49 37.54 43.36
N ASN C 121 11.04 37.31 42.14
CA ASN C 121 10.98 38.39 41.16
C ASN C 121 10.09 39.46 41.75
N GLY C 122 8.92 39.00 42.16
CA GLY C 122 7.92 39.86 42.75
C GLY C 122 6.61 39.38 42.20
N ASP C 123 5.52 39.84 42.80
CA ASP C 123 4.20 39.48 42.32
C ASP C 123 3.22 40.53 42.82
N GLY C 124 2.22 40.78 41.98
CA GLY C 124 1.19 41.75 42.26
C GLY C 124 1.63 43.06 41.65
N MET C 125 1.24 44.14 42.31
CA MET C 125 1.58 45.49 41.90
C MET C 125 2.82 45.84 42.72
N GLY C 126 3.91 45.18 42.34
CA GLY C 126 5.22 45.30 42.97
C GLY C 126 5.99 44.14 42.38
N LYS C 127 5.48 43.69 41.24
CA LYS C 127 6.04 42.58 40.49
C LYS C 127 7.26 43.00 39.67
N GLY C 128 8.19 42.07 39.50
CA GLY C 128 9.39 42.35 38.73
C GLY C 128 10.31 43.39 39.35
N THR C 129 9.82 44.05 40.41
CA THR C 129 10.62 45.06 41.08
C THR C 129 10.49 45.06 42.60
N HIS C 130 9.98 43.96 43.16
CA HIS C 130 9.82 43.83 44.60
C HIS C 130 9.87 42.36 45.03
N LEU C 131 9.87 42.12 46.34
CA LEU C 131 9.90 40.77 46.93
C LEU C 131 8.61 40.51 47.72
N SER C 132 7.62 39.91 47.04
CA SER C 132 6.32 39.63 47.66
C SER C 132 6.39 38.44 48.63
N LEU C 133 6.18 38.74 49.91
CA LEU C 133 6.24 37.78 51.01
C LEU C 133 4.88 37.73 51.72
N PHE C 134 4.33 36.54 51.94
CA PHE C 134 3.01 36.41 52.58
C PHE C 134 2.92 35.61 53.89
N PHE C 135 1.74 35.00 54.11
CA PHE C 135 1.49 34.21 55.30
C PHE C 135 0.40 33.16 55.14
N VAL C 136 0.68 32.10 54.39
CA VAL C 136 -0.32 31.06 54.21
C VAL C 136 -0.70 30.55 55.59
N ILE C 137 -1.87 29.92 55.67
CA ILE C 137 -2.37 29.29 56.89
C ILE C 137 -2.92 27.96 56.40
N MET C 138 -2.42 26.87 56.96
CA MET C 138 -2.81 25.54 56.53
C MET C 138 -3.62 24.65 57.50
N ARG C 139 -4.38 23.76 56.86
CA ARG C 139 -5.24 22.78 57.49
C ARG C 139 -4.45 22.00 58.54
N GLY C 140 -4.60 22.38 59.81
CA GLY C 140 -3.89 21.70 60.88
C GLY C 140 -4.50 20.36 61.24
N GLU C 141 -3.69 19.44 61.75
CA GLU C 141 -4.19 18.13 62.12
C GLU C 141 -5.13 18.24 63.29
N TYR C 142 -5.02 19.36 64.01
CA TYR C 142 -5.84 19.60 65.19
C TYR C 142 -6.89 20.69 64.95
N ASP C 143 -7.06 21.07 63.68
CA ASP C 143 -7.98 22.11 63.29
C ASP C 143 -9.36 22.06 63.93
N ALA C 144 -9.86 20.87 64.20
CA ALA C 144 -11.17 20.76 64.81
C ALA C 144 -11.17 21.54 66.14
N LEU C 145 -10.08 21.41 66.89
CA LEU C 145 -9.94 22.08 68.18
C LEU C 145 -9.17 23.39 68.01
N LEU C 146 -9.39 24.08 66.88
CA LEU C 146 -8.65 25.32 66.62
C LEU C 146 -9.54 26.55 66.34
N PRO C 147 -9.37 27.62 67.14
CA PRO C 147 -10.16 28.85 66.95
C PRO C 147 -9.83 29.53 65.64
N TRP C 148 -10.73 30.40 65.19
CA TRP C 148 -10.53 31.15 63.95
C TRP C 148 -11.23 32.50 64.13
N PRO C 149 -11.15 33.38 63.12
CA PRO C 149 -10.47 33.22 61.83
C PRO C 149 -9.03 33.70 61.97
N PHE C 150 -8.32 33.14 62.95
CA PHE C 150 -6.93 33.49 63.25
C PHE C 150 -6.84 35.00 63.36
N LYS C 151 -6.36 35.48 64.50
CA LYS C 151 -6.25 36.91 64.72
C LYS C 151 -5.00 37.23 65.53
N GLN C 152 -3.85 36.76 65.04
CA GLN C 152 -2.57 36.97 65.71
C GLN C 152 -1.58 37.81 64.90
N LYS C 153 -1.34 39.03 65.39
CA LYS C 153 -0.44 40.01 64.79
C LYS C 153 0.76 39.38 64.12
N VAL C 154 0.56 38.73 62.97
CA VAL C 154 1.66 38.08 62.27
C VAL C 154 2.74 39.06 61.79
N THR C 155 3.97 38.58 61.71
CA THR C 155 5.08 39.41 61.24
C THR C 155 5.82 38.64 60.16
N LEU C 156 6.35 39.39 59.19
CA LEU C 156 7.09 38.82 58.06
C LEU C 156 8.32 39.71 57.96
N MET C 157 9.50 39.15 57.72
CA MET C 157 10.67 40.01 57.62
C MET C 157 11.89 39.51 56.86
N LEU C 158 12.59 40.47 56.25
CA LEU C 158 13.80 40.24 55.48
C LEU C 158 14.99 40.31 56.41
N MET C 159 15.58 39.16 56.71
CA MET C 159 16.73 39.13 57.60
C MET C 159 17.96 39.62 56.86
N ASP C 160 18.69 40.54 57.50
CA ASP C 160 19.90 41.13 56.95
C ASP C 160 21.18 40.40 57.39
N GLN C 161 22.15 40.34 56.48
CA GLN C 161 23.39 39.64 56.75
C GLN C 161 24.61 40.57 56.57
N GLY C 162 24.71 41.57 57.45
CA GLY C 162 25.80 42.51 57.41
C GLY C 162 26.29 42.86 58.80
N SER C 163 27.54 42.49 59.07
CA SER C 163 28.22 42.71 60.36
C SER C 163 27.61 43.66 61.38
N SER C 164 26.93 44.71 60.93
CA SER C 164 26.32 45.65 61.87
C SER C 164 25.23 46.51 61.24
N ARG C 165 24.15 45.86 60.81
CA ARG C 165 23.02 46.54 60.20
C ARG C 165 21.75 45.79 60.62
N ARG C 166 20.61 46.47 60.54
CA ARG C 166 19.33 45.88 60.95
C ARG C 166 18.62 45.08 59.84
N HIS C 167 17.32 44.84 60.02
CA HIS C 167 16.52 44.09 59.06
C HIS C 167 15.36 44.92 58.51
N LEU C 168 14.51 44.24 57.72
CA LEU C 168 13.32 44.85 57.12
C LEU C 168 12.03 44.22 57.70
N GLY C 169 11.21 45.06 58.32
CA GLY C 169 9.98 44.55 58.90
C GLY C 169 8.91 45.52 59.37
N ASP C 170 7.67 45.12 59.11
CA ASP C 170 6.48 45.84 59.50
C ASP C 170 5.50 44.71 59.80
N ALA C 171 4.68 44.87 60.84
CA ALA C 171 3.75 43.82 61.22
C ALA C 171 2.31 44.30 61.32
N PHE C 172 1.39 43.46 60.86
CA PHE C 172 -0.04 43.77 60.90
C PHE C 172 -0.74 43.01 62.02
N LYS C 173 -2.00 42.70 61.78
CA LYS C 173 -2.83 41.98 62.73
C LYS C 173 -3.98 41.41 61.94
N PRO C 174 -4.10 40.06 61.90
CA PRO C 174 -5.20 39.47 61.13
C PRO C 174 -6.54 40.21 61.31
N ASP C 175 -7.38 40.12 60.29
CA ASP C 175 -8.68 40.76 60.29
C ASP C 175 -9.76 39.69 60.47
N PRO C 176 -10.99 40.10 60.83
CA PRO C 176 -12.05 39.10 61.01
C PRO C 176 -12.70 38.63 59.70
N ASN C 177 -13.36 39.56 59.00
CA ASN C 177 -14.02 39.26 57.73
C ASN C 177 -13.04 38.86 56.63
N SER C 178 -11.74 38.94 56.94
CA SER C 178 -10.71 38.57 55.98
C SER C 178 -10.90 37.11 55.61
N SER C 179 -11.66 36.87 54.55
CA SER C 179 -11.92 35.52 54.07
C SER C 179 -10.64 34.69 53.99
N SER C 180 -9.51 35.34 54.23
CA SER C 180 -8.21 34.69 54.16
C SER C 180 -7.77 33.86 55.37
N PHE C 181 -8.42 34.08 56.52
CA PHE C 181 -8.04 33.38 57.76
C PHE C 181 -9.07 32.49 58.48
N LYS C 182 -10.32 32.43 58.01
CA LYS C 182 -11.37 31.62 58.65
C LYS C 182 -10.93 30.21 59.04
N LYS C 183 -11.70 29.22 58.61
CA LYS C 183 -11.38 27.81 58.89
C LYS C 183 -11.00 27.19 57.55
N PRO C 184 -9.85 26.51 57.50
CA PRO C 184 -9.40 25.88 56.26
C PRO C 184 -10.50 25.17 55.48
N THR C 185 -10.17 24.77 54.25
CA THR C 185 -11.08 24.08 53.35
C THR C 185 -10.22 23.28 52.37
N GLY C 186 -8.95 23.67 52.32
CA GLY C 186 -7.95 23.02 51.49
C GLY C 186 -6.70 23.00 52.34
N GLU C 187 -5.61 22.40 51.86
CA GLU C 187 -4.39 22.37 52.67
C GLU C 187 -3.93 23.76 53.06
N MET C 188 -3.69 24.60 52.05
CA MET C 188 -3.24 25.96 52.29
C MET C 188 -4.42 26.92 52.10
N ASN C 189 -4.57 27.86 53.03
CA ASN C 189 -5.64 28.84 52.99
C ASN C 189 -5.33 30.05 52.11
N ILE C 190 -5.81 31.23 52.51
CA ILE C 190 -5.56 32.44 51.75
C ILE C 190 -4.38 33.18 52.38
N ALA C 191 -3.40 33.52 51.54
CA ALA C 191 -2.18 34.19 51.99
C ALA C 191 -2.25 35.70 52.05
N SER C 192 -1.98 36.23 53.24
CA SER C 192 -1.97 37.67 53.49
C SER C 192 -0.56 38.17 53.75
N GLY C 193 0.12 38.60 52.69
CA GLY C 193 1.48 39.10 52.82
C GLY C 193 1.67 40.48 52.24
N CYS C 194 2.72 40.67 51.44
CA CYS C 194 3.00 41.97 50.84
C CYS C 194 3.50 41.83 49.40
N PRO C 195 2.99 42.69 48.48
CA PRO C 195 3.37 42.69 47.06
C PRO C 195 4.62 43.54 46.83
N VAL C 196 4.77 44.57 47.66
CA VAL C 196 5.90 45.46 47.61
C VAL C 196 6.50 45.52 49.01
N PHE C 197 7.01 44.38 49.46
CA PHE C 197 7.61 44.24 50.79
C PHE C 197 9.09 44.66 50.73
N VAL C 198 9.77 44.29 49.65
CA VAL C 198 11.17 44.63 49.50
C VAL C 198 11.51 45.01 48.06
N ALA C 199 11.89 46.27 47.85
CA ALA C 199 12.23 46.79 46.52
C ALA C 199 13.34 45.97 45.87
N GLN C 200 13.08 45.47 44.67
CA GLN C 200 14.05 44.62 43.96
C GLN C 200 15.50 45.02 44.20
N THR C 201 15.80 46.30 44.05
CA THR C 201 17.16 46.78 44.26
C THR C 201 17.59 46.52 45.71
N VAL C 202 17.18 47.42 46.61
CA VAL C 202 17.50 47.35 48.04
C VAL C 202 17.81 45.96 48.61
N LEU C 203 17.13 44.93 48.12
CA LEU C 203 17.38 43.57 48.59
C LEU C 203 18.81 43.19 48.25
N GLU C 204 19.09 43.14 46.95
CA GLU C 204 20.42 42.77 46.45
C GLU C 204 21.38 43.95 46.48
N ASN C 205 20.80 45.14 46.46
CA ASN C 205 21.54 46.42 46.48
C ASN C 205 22.10 46.69 47.87
N GLY C 206 21.91 45.72 48.79
CA GLY C 206 22.39 45.90 50.14
C GLY C 206 23.00 44.70 50.86
N THR C 207 23.04 44.79 52.19
CA THR C 207 23.60 43.78 53.06
C THR C 207 22.75 42.53 53.20
N TYR C 208 21.46 42.67 52.91
CA TYR C 208 20.52 41.56 52.99
C TYR C 208 21.08 40.36 52.26
N ILE C 209 20.88 40.31 50.94
CA ILE C 209 21.38 39.20 50.16
C ILE C 209 22.88 39.03 50.34
N LYS C 210 23.25 38.00 51.10
CA LYS C 210 24.65 37.69 51.37
C LYS C 210 24.83 36.19 51.26
N ASP C 211 25.98 35.76 50.77
CA ASP C 211 26.28 34.33 50.61
C ASP C 211 25.34 33.62 49.63
N ASP C 212 24.74 34.38 48.72
CA ASP C 212 23.85 33.78 47.74
C ASP C 212 22.65 33.18 48.45
N THR C 213 22.32 33.70 49.62
CA THR C 213 21.18 33.18 50.38
C THR C 213 20.42 34.27 51.15
N ILE C 214 19.17 33.95 51.50
CA ILE C 214 18.29 34.84 52.27
C ILE C 214 17.60 34.09 53.40
N PHE C 215 17.51 34.74 54.55
CA PHE C 215 16.87 34.16 55.73
C PHE C 215 15.62 34.94 56.07
N ILE C 216 14.50 34.23 56.29
CA ILE C 216 13.22 34.87 56.62
C ILE C 216 12.72 34.44 57.99
N LYS C 217 11.94 35.30 58.65
CA LYS C 217 11.45 34.98 59.99
C LYS C 217 10.03 35.48 60.30
N VAL C 218 9.01 34.62 60.13
CA VAL C 218 7.62 35.00 60.43
C VAL C 218 7.36 34.80 61.94
N ILE C 219 7.34 35.91 62.66
CA ILE C 219 7.17 35.93 64.10
C ILE C 219 5.74 35.93 64.56
N VAL C 220 5.04 34.81 64.37
CA VAL C 220 3.65 34.66 64.78
C VAL C 220 3.53 34.82 66.29
N ASP C 221 2.59 35.64 66.74
CA ASP C 221 2.43 35.83 68.17
C ASP C 221 1.58 34.77 68.83
N THR C 222 2.24 33.90 69.59
CA THR C 222 1.58 32.84 70.35
C THR C 222 1.57 33.20 71.82
N SER C 223 2.60 33.92 72.25
CA SER C 223 2.74 34.37 73.63
C SER C 223 1.42 34.95 74.16
N ASP C 224 0.83 35.89 73.43
CA ASP C 224 -0.43 36.45 73.88
C ASP C 224 -1.45 35.33 73.93
N LEU C 225 -2.18 35.27 75.05
CA LEU C 225 -3.18 34.26 75.34
C LEU C 225 -2.54 33.32 76.37
N PRO C 226 -3.09 33.27 77.59
CA PRO C 226 -2.55 32.40 78.66
C PRO C 226 -1.83 31.16 78.10
N ASP C 227 -2.59 30.05 78.01
CA ASP C 227 -2.11 28.76 77.48
C ASP C 227 -2.72 27.52 78.17
N PRO C 228 -2.87 26.43 77.39
CA PRO C 228 -3.42 25.16 77.91
C PRO C 228 -2.31 24.36 78.58
N LYS D 1 -11.63 49.56 65.45
CA LYS D 1 -10.46 50.30 64.87
C LYS D 1 -9.42 49.33 64.31
N THR D 2 -9.78 48.59 63.25
CA THR D 2 -8.88 47.61 62.62
C THR D 2 -8.20 48.11 61.34
N ALA D 3 -7.09 47.46 60.99
CA ALA D 3 -6.32 47.80 59.80
C ALA D 3 -5.83 46.51 59.09
N ALA D 4 -4.57 46.12 59.33
CA ALA D 4 -3.94 44.92 58.74
C ALA D 4 -3.14 45.21 57.44
N PRO D 5 -2.93 44.18 56.58
CA PRO D 5 -2.20 44.44 55.34
C PRO D 5 -3.09 44.37 54.11
N VAL D 6 -2.82 43.33 53.33
CA VAL D 6 -3.53 43.00 52.12
C VAL D 6 -3.26 41.51 52.04
N GLN D 7 -3.98 40.84 51.16
CA GLN D 7 -3.82 39.41 51.01
C GLN D 7 -3.43 39.07 49.56
N GLU D 8 -4.30 38.35 48.87
CA GLU D 8 -4.08 37.96 47.47
C GLU D 8 -5.38 37.82 46.63
N THR D 9 -5.27 37.13 45.48
CA THR D 9 -6.42 36.90 44.59
C THR D 9 -7.22 35.62 44.96
N LEU D 10 -6.72 34.48 44.48
CA LEU D 10 -7.29 33.18 44.76
C LEU D 10 -6.85 32.18 43.70
N HIS D 11 -6.69 30.94 44.14
CA HIS D 11 -6.25 29.80 43.32
C HIS D 11 -7.34 29.06 42.54
N GLY D 12 -6.96 28.58 41.36
CA GLY D 12 -7.87 27.83 40.53
C GLY D 12 -7.33 26.48 40.09
N SER D 13 -6.91 26.42 38.83
CA SER D 13 -6.37 25.20 38.22
C SER D 13 -5.67 25.60 36.92
N GLN D 14 -5.70 26.90 36.64
CA GLN D 14 -5.12 27.51 35.42
C GLN D 14 -3.67 27.97 35.52
N PRO D 15 -2.85 27.56 34.53
CA PRO D 15 -1.41 27.88 34.39
C PRO D 15 -1.14 29.37 34.04
N VAL D 16 -1.41 30.22 35.04
CA VAL D 16 -1.27 31.67 34.94
C VAL D 16 -0.72 32.20 36.26
N THR D 17 -0.41 33.49 36.28
CA THR D 17 0.11 34.14 37.50
C THR D 17 -1.00 34.45 38.50
N GLN D 18 -0.60 34.57 39.77
CA GLN D 18 -1.55 34.91 40.84
C GLN D 18 -1.38 36.35 41.38
N GLU D 19 -1.73 37.33 40.53
CA GLU D 19 -1.64 38.77 40.82
C GLU D 19 -2.96 39.42 41.27
N ASP D 20 -3.01 39.86 42.54
CA ASP D 20 -4.19 40.50 43.14
C ASP D 20 -4.12 42.03 43.06
N GLY D 21 -5.19 42.67 43.53
CA GLY D 21 -5.25 44.13 43.54
C GLY D 21 -5.06 44.58 44.97
#